data_8GC8
#
_entry.id   8GC8
#
_cell.length_a   38.380
_cell.length_b   72.400
_cell.length_c   104.510
_cell.angle_alpha   90.000
_cell.angle_beta   90.000
_cell.angle_gamma   90.000
#
_symmetry.space_group_name_H-M   'P 2 21 21'
#
loop_
_entity.id
_entity.type
_entity.pdbx_description
1 polymer 'Tyrosine-protein kinase BTK'
2 non-polymer 5-(piperidin-1-yl)-3-[4-(piperidin-4-yl)anilino]pyrazine-2-carboxamide
3 non-polymer 1,2-ETHANEDIOL
4 water water
#
_entity_poly.entity_id   1
_entity_poly.type   'polypeptide(L)'
_entity_poly.pdbx_seq_one_letter_code
;GLGYGSWEIDPKDLTFLKELGTGQFGVVKYGKWRGQYDVAIKMIKEGSMSEDEFIEEAKVMMNLSHEKLVQLYGVCTKQR
PIFIITEYMANGCLLNYLREMRHRFQTQQLLEMCKDVCEAMEYLESKQFLHRDLAARNCWVNDQGVVKVSDFGLSRYVLD
DEYTSSVGSKFPVRWSPPEVLMYSKFSSKSDIWAFGVLMWEIYSLGKMPYERFTNSETAEHIAQGLRLYRPHLASEKVYT
IMYSCWHEKADERPTFKILLSNILDVMDEE
;
_entity_poly.pdbx_strand_id   A
#
loop_
_chem_comp.id
_chem_comp.type
_chem_comp.name
_chem_comp.formula
EDO non-polymer 1,2-ETHANEDIOL 'C2 H6 O2'
YXJ non-polymer 5-(piperidin-1-yl)-3-[4-(piperidin-4-yl)anilino]pyrazine-2-carboxamide 'C21 H28 N6 O'
#
# COMPACT_ATOMS: atom_id res chain seq x y z
N TYR A 4 -6.25 0.45 26.29
CA TYR A 4 -5.16 0.57 25.31
C TYR A 4 -4.37 1.86 25.52
N GLY A 5 -4.37 2.35 26.75
CA GLY A 5 -3.64 3.56 27.09
C GLY A 5 -4.18 4.78 26.37
N SER A 6 -3.26 5.69 26.04
CA SER A 6 -3.64 6.92 25.36
C SER A 6 -4.05 6.70 23.91
N TRP A 7 -4.04 5.46 23.42
CA TRP A 7 -4.61 5.16 22.12
C TRP A 7 -6.12 5.00 22.16
N GLU A 8 -6.70 4.86 23.34
CA GLU A 8 -8.13 4.67 23.47
C GLU A 8 -8.83 6.00 23.31
N ILE A 9 -9.74 6.08 22.35
CA ILE A 9 -10.47 7.29 22.04
C ILE A 9 -11.88 7.17 22.59
N ASP A 10 -12.39 8.26 23.12
CA ASP A 10 -13.77 8.30 23.59
C ASP A 10 -14.69 8.38 22.38
N PRO A 11 -15.52 7.36 22.11
CA PRO A 11 -16.46 7.47 20.98
C PRO A 11 -17.36 8.70 21.07
N LYS A 12 -17.56 9.27 22.27
CA LYS A 12 -18.31 10.52 22.39
C LYS A 12 -17.66 11.68 21.64
N ASP A 13 -16.37 11.57 21.31
CA ASP A 13 -15.65 12.63 20.61
C ASP A 13 -15.69 12.47 19.10
N LEU A 14 -16.42 11.50 18.58
CA LEU A 14 -16.50 11.27 17.15
C LEU A 14 -17.81 11.81 16.60
N THR A 15 -17.76 12.29 15.36
CA THR A 15 -18.97 12.71 14.68
C THR A 15 -18.86 12.25 13.23
N PHE A 16 -19.94 11.69 12.70
CA PHE A 16 -19.92 11.00 11.41
C PHE A 16 -20.49 11.91 10.33
N LEU A 17 -19.79 12.01 9.19
CA LEU A 17 -20.20 12.97 8.16
C LEU A 17 -20.62 12.32 6.85
N LYS A 18 -19.86 11.35 6.34
CA LYS A 18 -20.16 10.72 5.07
C LYS A 18 -19.72 9.26 5.14
N GLU A 19 -20.46 8.38 4.46
CA GLU A 19 -20.05 7.00 4.32
C GLU A 19 -19.03 6.87 3.18
N LEU A 20 -17.93 6.16 3.43
CA LEU A 20 -16.89 6.00 2.42
C LEU A 20 -17.00 4.69 1.67
N GLY A 21 -17.71 3.70 2.21
CA GLY A 21 -17.81 2.41 1.56
C GLY A 21 -17.73 1.28 2.56
N THR A 22 -17.83 0.05 2.06
CA THR A 22 -17.78 -1.15 2.89
C THR A 22 -16.66 -2.06 2.42
N GLY A 23 -15.86 -2.52 3.37
CA GLY A 23 -14.77 -3.43 3.05
C GLY A 23 -14.96 -4.77 3.72
N GLN A 24 -13.92 -5.61 3.69
CA GLN A 24 -14.03 -6.92 4.30
C GLN A 24 -14.54 -6.82 5.74
N PHE A 25 -14.07 -5.82 6.48
CA PHE A 25 -14.38 -5.69 7.90
C PHE A 25 -15.50 -4.69 8.19
N GLY A 26 -16.23 -4.25 7.17
CA GLY A 26 -17.42 -3.45 7.40
C GLY A 26 -17.38 -2.06 6.84
N VAL A 27 -18.23 -1.19 7.38
CA VAL A 27 -18.40 0.16 6.87
C VAL A 27 -17.27 1.05 7.37
N VAL A 28 -16.80 1.94 6.51
CA VAL A 28 -15.89 3.02 6.88
C VAL A 28 -16.58 4.34 6.60
N LYS A 29 -16.44 5.26 7.54
CA LYS A 29 -17.02 6.60 7.42
C LYS A 29 -15.94 7.65 7.59
N TYR A 30 -16.16 8.79 6.93
CA TYR A 30 -15.42 10.01 7.18
C TYR A 30 -16.13 10.79 8.29
N GLY A 31 -15.35 11.32 9.22
CA GLY A 31 -15.92 12.08 10.30
C GLY A 31 -14.91 13.03 10.92
N LYS A 32 -15.28 13.59 12.05
CA LYS A 32 -14.41 14.49 12.79
C LYS A 32 -14.16 13.93 14.18
N TRP A 33 -12.95 14.16 14.65
CA TRP A 33 -12.57 13.77 16.00
C TRP A 33 -12.36 15.04 16.79
N ARG A 34 -13.12 15.20 17.87
CA ARG A 34 -13.00 16.32 18.78
C ARG A 34 -13.26 17.64 18.06
N GLY A 35 -14.21 17.61 17.11
CA GLY A 35 -14.65 18.78 16.39
C GLY A 35 -13.65 19.31 15.38
N GLN A 36 -12.42 18.84 15.38
CA GLN A 36 -11.35 19.53 14.67
C GLN A 36 -10.62 18.69 13.64
N TYR A 37 -10.37 17.41 13.90
CA TYR A 37 -9.51 16.58 13.05
C TYR A 37 -10.34 15.72 12.11
N ASP A 38 -9.99 15.75 10.83
CA ASP A 38 -10.57 14.80 9.88
C ASP A 38 -10.06 13.40 10.20
N VAL A 39 -10.97 12.44 10.21
CA VAL A 39 -10.62 11.05 10.50
C VAL A 39 -11.44 10.13 9.62
N ALA A 40 -10.90 8.94 9.37
CA ALA A 40 -11.67 7.81 8.86
C ALA A 40 -12.02 6.89 10.03
N ILE A 41 -13.28 6.48 10.09
CA ILE A 41 -13.77 5.66 11.18
C ILE A 41 -14.18 4.32 10.60
N LYS A 42 -13.47 3.27 11.00
CA LYS A 42 -13.74 1.92 10.55
C LYS A 42 -14.58 1.24 11.61
N MET A 43 -15.80 0.87 11.26
CA MET A 43 -16.73 0.22 12.18
C MET A 43 -16.59 -1.29 11.92
N ILE A 44 -15.82 -1.96 12.76
CA ILE A 44 -15.42 -3.34 12.49
C ILE A 44 -16.62 -4.26 12.67
N LYS A 45 -17.10 -4.84 11.57
CA LYS A 45 -18.24 -5.74 11.64
C LYS A 45 -17.98 -6.88 12.61
N GLU A 46 -18.89 -7.05 13.58
CA GLU A 46 -18.77 -8.14 14.53
C GLU A 46 -18.61 -9.47 13.79
N GLY A 47 -17.76 -10.34 14.34
CA GLY A 47 -17.49 -11.61 13.70
C GLY A 47 -16.63 -11.52 12.46
N SER A 48 -16.58 -10.34 11.84
CA SER A 48 -15.69 -10.16 10.69
C SER A 48 -14.22 -10.30 11.03
N MET A 49 -13.90 -10.59 12.29
CA MET A 49 -12.52 -10.55 12.74
C MET A 49 -12.43 -10.91 14.21
N SER A 50 -11.52 -11.82 14.53
CA SER A 50 -11.38 -12.40 15.86
C SER A 50 -10.67 -11.43 16.80
N GLU A 51 -10.87 -11.66 18.11
CA GLU A 51 -10.15 -10.89 19.11
C GLU A 51 -8.64 -10.98 18.87
N ASP A 52 -8.13 -12.19 18.70
CA ASP A 52 -6.72 -12.37 18.40
C ASP A 52 -6.29 -11.52 17.20
N GLU A 53 -7.09 -11.56 16.13
CA GLU A 53 -6.74 -10.82 14.94
C GLU A 53 -6.70 -9.31 15.21
N PHE A 54 -7.45 -8.83 16.21
CA PHE A 54 -7.43 -7.41 16.51
C PHE A 54 -6.22 -7.02 17.35
N ILE A 55 -5.90 -7.83 18.36
CA ILE A 55 -4.66 -7.60 19.11
C ILE A 55 -3.50 -7.51 18.14
N GLU A 56 -3.48 -8.38 17.14
CA GLU A 56 -2.49 -8.33 16.06
C GLU A 56 -2.44 -6.97 15.37
N GLU A 57 -3.51 -6.65 14.66
CA GLU A 57 -3.56 -5.41 13.90
C GLU A 57 -3.16 -4.22 14.78
N ALA A 58 -3.68 -4.17 16.01
CA ALA A 58 -3.39 -3.05 16.90
C ALA A 58 -1.90 -2.97 17.23
N LYS A 59 -1.27 -4.10 17.56
CA LYS A 59 0.16 -4.10 17.86
C LYS A 59 0.95 -3.45 16.73
N VAL A 60 0.68 -3.85 15.50
CA VAL A 60 1.43 -3.34 14.36
C VAL A 60 1.21 -1.84 14.22
N MET A 61 -0.06 -1.42 14.27
CA MET A 61 -0.43 -0.02 14.02
C MET A 61 0.03 0.94 15.11
N MET A 62 0.13 0.52 16.37
CA MET A 62 0.63 1.47 17.36
C MET A 62 2.13 1.43 17.57
N ASN A 63 2.86 0.65 16.77
CA ASN A 63 4.30 0.56 16.97
C ASN A 63 5.08 0.88 15.70
N LEU A 64 4.41 1.14 14.58
CA LEU A 64 5.04 1.61 13.36
C LEU A 64 4.44 2.96 13.01
N SER A 65 5.30 3.91 12.64
CA SER A 65 4.81 5.26 12.37
C SER A 65 5.76 5.98 11.42
N HIS A 66 5.22 6.55 10.36
CA HIS A 66 6.03 7.25 9.38
C HIS A 66 5.12 8.18 8.58
N GLU A 67 5.69 9.27 8.06
CA GLU A 67 4.91 10.24 7.29
C GLU A 67 4.24 9.60 6.07
N LYS A 68 4.79 8.51 5.54
CA LYS A 68 4.20 7.91 4.34
C LYS A 68 3.49 6.59 4.64
N LEU A 69 3.19 6.34 5.91
CA LEU A 69 2.28 5.26 6.32
C LEU A 69 1.00 5.91 6.83
N VAL A 70 -0.17 5.37 6.43
CA VAL A 70 -1.42 5.90 6.99
C VAL A 70 -1.41 5.67 8.49
N GLN A 71 -1.63 6.76 9.25
CA GLN A 71 -1.41 6.78 10.69
C GLN A 71 -2.67 6.43 11.46
N LEU A 72 -2.58 5.43 12.33
CA LEU A 72 -3.65 5.16 13.29
C LEU A 72 -3.73 6.29 14.30
N TYR A 73 -4.95 6.77 14.59
CA TYR A 73 -5.10 7.76 15.65
C TYR A 73 -5.58 7.14 16.95
N GLY A 74 -6.37 6.08 16.91
CA GLY A 74 -6.85 5.48 18.13
C GLY A 74 -7.86 4.41 17.84
N VAL A 75 -8.38 3.83 18.92
CA VAL A 75 -9.31 2.73 18.85
C VAL A 75 -10.42 2.96 19.89
N CYS A 76 -11.58 2.39 19.63
CA CYS A 76 -12.70 2.36 20.58
C CYS A 76 -12.99 0.89 20.86
N THR A 77 -12.46 0.37 21.98
CA THR A 77 -12.55 -1.05 22.26
C THR A 77 -13.48 -1.37 23.42
N LYS A 78 -13.99 -0.36 24.12
CA LYS A 78 -14.87 -0.54 25.25
C LYS A 78 -16.33 -0.64 24.85
N GLN A 79 -16.60 -1.20 23.69
CA GLN A 79 -17.95 -1.48 23.20
C GLN A 79 -17.80 -2.31 21.93
N ARG A 80 -18.93 -2.85 21.48
CA ARG A 80 -18.98 -3.56 20.21
C ARG A 80 -20.09 -2.92 19.37
N PRO A 81 -19.84 -2.62 18.10
CA PRO A 81 -18.63 -2.89 17.32
C PRO A 81 -17.42 -2.02 17.69
N ILE A 82 -16.22 -2.56 17.50
CA ILE A 82 -14.99 -1.79 17.66
C ILE A 82 -14.93 -0.70 16.60
N PHE A 83 -14.40 0.46 16.98
CA PHE A 83 -14.00 1.50 16.04
C PHE A 83 -12.48 1.54 15.94
N ILE A 84 -11.96 1.65 14.71
CA ILE A 84 -10.56 2.01 14.47
C ILE A 84 -10.57 3.38 13.79
N ILE A 85 -9.85 4.34 14.36
CA ILE A 85 -9.81 5.72 13.89
CA ILE A 85 -9.81 5.72 13.89
C ILE A 85 -8.44 6.00 13.29
N THR A 86 -8.42 6.39 12.02
CA THR A 86 -7.16 6.63 11.33
C THR A 86 -7.15 7.96 10.61
N GLU A 87 -5.93 8.37 10.26
CA GLU A 87 -5.70 9.46 9.32
C GLU A 87 -6.67 9.37 8.15
N TYR A 88 -7.23 10.51 7.78
CA TYR A 88 -8.12 10.59 6.63
C TYR A 88 -7.35 10.84 5.34
N MET A 89 -7.60 9.99 4.35
CA MET A 89 -6.95 10.02 3.04
C MET A 89 -8.00 10.48 2.03
N ALA A 90 -8.13 11.80 1.86
CA ALA A 90 -9.32 12.35 1.23
C ALA A 90 -9.53 11.90 -0.21
N ASN A 91 -8.48 11.51 -0.93
CA ASN A 91 -8.63 11.12 -2.32
C ASN A 91 -8.77 9.61 -2.51
N GLY A 92 -8.86 8.85 -1.41
CA GLY A 92 -9.23 7.46 -1.51
C GLY A 92 -8.06 6.56 -1.89
N CYS A 93 -8.41 5.37 -2.37
CA CYS A 93 -7.42 4.36 -2.73
C CYS A 93 -6.64 4.76 -3.98
N LEU A 94 -5.33 4.51 -3.98
CA LEU A 94 -4.49 4.88 -5.13
C LEU A 94 -4.95 4.17 -6.40
N LEU A 95 -5.35 2.90 -6.32
CA LEU A 95 -5.77 2.22 -7.53
C LEU A 95 -6.93 2.95 -8.20
N ASN A 96 -7.93 3.34 -7.42
CA ASN A 96 -9.05 4.10 -7.97
C ASN A 96 -8.59 5.48 -8.45
N TYR A 97 -7.70 6.12 -7.69
CA TYR A 97 -7.17 7.42 -8.09
C TYR A 97 -6.49 7.35 -9.45
N LEU A 98 -5.65 6.33 -9.66
CA LEU A 98 -4.96 6.20 -10.96
C LEU A 98 -5.95 6.03 -12.10
N ARG A 99 -7.08 5.37 -11.86
CA ARG A 99 -8.05 5.08 -12.90
C ARG A 99 -9.04 6.22 -13.10
N GLU A 100 -9.34 6.98 -12.06
CA GLU A 100 -10.44 7.93 -12.10
C GLU A 100 -10.05 9.39 -12.00
N MET A 101 -8.84 9.72 -11.58
CA MET A 101 -8.45 11.11 -11.34
C MET A 101 -7.25 11.53 -12.19
N ARG A 102 -7.18 11.01 -13.41
CA ARG A 102 -6.00 11.22 -14.26
C ARG A 102 -5.76 12.68 -14.63
N HIS A 103 -6.76 13.53 -14.50
CA HIS A 103 -6.55 14.94 -14.82
C HIS A 103 -5.67 15.64 -13.79
N ARG A 104 -5.36 14.98 -12.66
CA ARG A 104 -4.61 15.61 -11.57
C ARG A 104 -3.11 15.44 -11.65
N PHE A 105 -2.57 14.58 -12.52
CA PHE A 105 -1.15 14.31 -12.46
C PHE A 105 -0.55 14.20 -13.86
N GLN A 106 0.76 14.46 -13.93
CA GLN A 106 1.65 14.25 -15.07
C GLN A 106 2.67 13.19 -14.67
N THR A 107 3.59 12.86 -15.60
CA THR A 107 4.60 11.85 -15.29
C THR A 107 5.49 12.28 -14.12
N GLN A 108 5.71 13.58 -13.94
CA GLN A 108 6.44 14.04 -12.76
C GLN A 108 5.75 13.60 -11.48
N GLN A 109 4.42 13.70 -11.43
CA GLN A 109 3.73 13.28 -10.23
C GLN A 109 3.68 11.76 -10.09
N LEU A 110 3.61 11.02 -11.21
CA LEU A 110 3.67 9.58 -11.10
C LEU A 110 4.96 9.15 -10.39
N LEU A 111 6.06 9.81 -10.71
CA LEU A 111 7.32 9.41 -10.07
C LEU A 111 7.31 9.79 -8.59
N GLU A 112 6.64 10.89 -8.25
CA GLU A 112 6.62 11.25 -6.84
C GLU A 112 5.74 10.30 -6.04
N MET A 113 4.68 9.77 -6.65
CA MET A 113 3.90 8.69 -6.03
C MET A 113 4.81 7.52 -5.69
N CYS A 114 5.69 7.16 -6.63
CA CYS A 114 6.62 6.05 -6.37
C CYS A 114 7.58 6.41 -5.24
N LYS A 115 8.04 7.66 -5.20
CA LYS A 115 8.97 8.08 -4.15
C LYS A 115 8.28 8.03 -2.79
N ASP A 116 7.03 8.51 -2.71
CA ASP A 116 6.27 8.43 -1.46
C ASP A 116 6.23 6.99 -0.95
N VAL A 117 5.86 6.05 -1.81
CA VAL A 117 5.76 4.65 -1.38
C VAL A 117 7.14 4.12 -0.99
N CYS A 118 8.16 4.48 -1.77
CA CYS A 118 9.50 4.00 -1.51
C CYS A 118 10.00 4.47 -0.14
N GLU A 119 9.67 5.71 0.26
CA GLU A 119 10.03 6.17 1.59
C GLU A 119 9.33 5.35 2.67
N ALA A 120 8.04 5.04 2.48
CA ALA A 120 7.34 4.21 3.45
C ALA A 120 8.01 2.84 3.57
N MET A 121 8.37 2.24 2.45
CA MET A 121 8.97 0.90 2.52
C MET A 121 10.42 0.92 2.97
N GLU A 122 11.19 1.98 2.69
CA GLU A 122 12.50 2.05 3.30
C GLU A 122 12.38 2.07 4.81
N TYR A 123 11.37 2.77 5.33
CA TYR A 123 11.16 2.78 6.78
C TYR A 123 10.83 1.38 7.28
N LEU A 124 9.90 0.69 6.61
CA LEU A 124 9.52 -0.65 7.05
C LEU A 124 10.72 -1.58 6.99
N GLU A 125 11.53 -1.48 5.92
CA GLU A 125 12.76 -2.26 5.83
C GLU A 125 13.68 -1.99 7.01
N SER A 126 13.81 -0.72 7.41
CA SER A 126 14.70 -0.41 8.52
C SER A 126 14.21 -1.02 9.83
N LYS A 127 12.92 -1.30 9.95
CA LYS A 127 12.35 -1.95 11.11
C LYS A 127 12.27 -3.45 10.94
N GLN A 128 12.80 -3.97 9.83
CA GLN A 128 12.77 -5.40 9.54
C GLN A 128 11.33 -5.92 9.50
N PHE A 129 10.43 -5.11 8.94
CA PHE A 129 9.02 -5.44 8.88
C PHE A 129 8.62 -5.61 7.43
N LEU A 130 7.97 -6.72 7.11
CA LEU A 130 7.51 -7.00 5.75
C LEU A 130 6.08 -6.52 5.57
N HIS A 131 5.81 -5.85 4.45
CA HIS A 131 4.43 -5.52 4.14
C HIS A 131 3.64 -6.77 3.78
N ARG A 132 4.15 -7.55 2.82
CA ARG A 132 3.62 -8.82 2.32
C ARG A 132 2.46 -8.66 1.34
N ASP A 133 1.85 -7.49 1.21
CA ASP A 133 0.82 -7.28 0.18
C ASP A 133 0.92 -5.86 -0.38
N LEU A 134 2.13 -5.46 -0.76
CA LEU A 134 2.28 -4.12 -1.31
C LEU A 134 1.69 -4.09 -2.72
N ALA A 135 0.84 -3.10 -2.98
CA ALA A 135 0.13 -2.99 -4.25
C ALA A 135 -0.71 -1.72 -4.20
N ALA A 136 -1.12 -1.23 -5.37
CA ALA A 136 -1.87 0.04 -5.40
C ALA A 136 -3.14 -0.02 -4.56
N ARG A 137 -3.79 -1.20 -4.49
CA ARG A 137 -5.00 -1.30 -3.68
C ARG A 137 -4.74 -1.04 -2.21
N ASN A 138 -3.47 -1.09 -1.78
CA ASN A 138 -3.12 -0.89 -0.37
C ASN A 138 -2.40 0.42 -0.16
N CYS A 139 -2.46 1.32 -1.16
CA CYS A 139 -1.95 2.68 -1.06
C CYS A 139 -3.09 3.67 -1.13
N TRP A 140 -2.90 4.81 -0.48
CA TRP A 140 -3.96 5.79 -0.27
C TRP A 140 -3.42 7.19 -0.55
N VAL A 141 -4.33 8.10 -0.92
CA VAL A 141 -3.94 9.42 -1.42
C VAL A 141 -4.67 10.48 -0.60
N ASN A 142 -3.92 11.44 -0.05
CA ASN A 142 -4.57 12.47 0.77
C ASN A 142 -4.92 13.68 -0.08
N ASP A 143 -5.44 14.72 0.58
CA ASP A 143 -5.94 15.87 -0.13
C ASP A 143 -4.84 16.63 -0.85
N GLN A 144 -3.58 16.42 -0.48
CA GLN A 144 -2.45 17.05 -1.13
C GLN A 144 -1.83 16.18 -2.22
N GLY A 145 -2.41 15.03 -2.49
CA GLY A 145 -1.84 14.13 -3.47
C GLY A 145 -0.71 13.28 -2.95
N VAL A 146 -0.41 13.34 -1.65
CA VAL A 146 0.59 12.47 -1.04
C VAL A 146 0.07 11.04 -1.00
N VAL A 147 0.90 10.10 -1.38
CA VAL A 147 0.55 8.69 -1.35
C VAL A 147 1.12 8.08 -0.08
N LYS A 148 0.31 7.27 0.60
CA LYS A 148 0.76 6.58 1.80
C LYS A 148 0.37 5.11 1.75
N VAL A 149 1.17 4.28 2.41
CA VAL A 149 0.96 2.84 2.40
C VAL A 149 0.15 2.45 3.63
N SER A 150 -0.76 1.48 3.48
CA SER A 150 -1.50 0.97 4.62
C SER A 150 -1.54 -0.55 4.58
N ASP A 151 -2.13 -1.12 5.63
CA ASP A 151 -2.40 -2.55 5.73
C ASP A 151 -1.12 -3.38 5.62
N PHE A 152 -0.02 -2.86 6.14
CA PHE A 152 1.22 -3.62 6.17
C PHE A 152 1.11 -4.78 7.16
N GLY A 153 1.40 -5.99 6.70
CA GLY A 153 1.39 -7.15 7.59
C GLY A 153 0.02 -7.53 8.09
N LEU A 154 -1.04 -7.22 7.34
CA LEU A 154 -2.37 -7.68 7.69
C LEU A 154 -2.66 -9.06 7.11
N SER A 155 -1.96 -9.45 6.05
CA SER A 155 -2.16 -10.75 5.40
C SER A 155 -2.43 -11.89 6.37
N LYS A 170 -7.14 -15.68 -3.81
CA LYS A 170 -6.98 -14.33 -3.26
C LYS A 170 -5.51 -14.00 -3.03
N PHE A 171 -4.64 -14.99 -3.20
CA PHE A 171 -3.23 -14.73 -3.04
C PHE A 171 -2.74 -13.73 -4.09
N PRO A 172 -1.93 -12.74 -3.70
CA PRO A 172 -1.43 -11.73 -4.67
C PRO A 172 -0.36 -12.27 -5.60
N VAL A 173 -0.74 -13.27 -6.39
CA VAL A 173 0.19 -13.91 -7.33
C VAL A 173 0.90 -12.88 -8.21
N ARG A 174 0.15 -11.90 -8.73
CA ARG A 174 0.70 -10.98 -9.72
C ARG A 174 1.73 -10.01 -9.14
N TRP A 175 1.81 -9.91 -7.81
CA TRP A 175 2.81 -9.06 -7.16
C TRP A 175 3.93 -9.89 -6.52
N SER A 176 3.99 -11.18 -6.82
CA SER A 176 4.91 -12.05 -6.07
C SER A 176 6.11 -12.49 -6.88
N PRO A 177 7.28 -12.57 -6.25
CA PRO A 177 8.47 -13.14 -6.92
C PRO A 177 8.44 -14.66 -7.02
N PRO A 178 9.31 -15.23 -7.86
CA PRO A 178 9.32 -16.69 -8.01
C PRO A 178 9.57 -17.45 -6.70
N GLU A 179 10.40 -16.93 -5.81
CA GLU A 179 10.70 -17.71 -4.60
C GLU A 179 9.55 -17.69 -3.61
N VAL A 180 8.65 -16.72 -3.70
CA VAL A 180 7.43 -16.79 -2.92
C VAL A 180 6.49 -17.83 -3.51
N LEU A 181 6.31 -17.80 -4.82
CA LEU A 181 5.36 -18.70 -5.45
C LEU A 181 5.81 -20.16 -5.35
N MET A 182 7.10 -20.42 -5.42
CA MET A 182 7.52 -21.82 -5.34
C MET A 182 7.80 -22.33 -3.93
N TYR A 183 8.26 -21.47 -3.01
CA TYR A 183 8.82 -21.91 -1.74
C TYR A 183 8.27 -21.18 -0.52
N SER A 184 7.36 -20.21 -0.71
CA SER A 184 6.90 -19.35 0.39
C SER A 184 8.06 -18.62 1.06
N LYS A 185 9.04 -18.18 0.26
CA LYS A 185 10.21 -17.50 0.82
C LYS A 185 9.95 -15.99 0.76
N PHE A 186 9.43 -15.46 1.86
CA PHE A 186 9.18 -14.02 2.01
C PHE A 186 10.36 -13.33 2.65
N SER A 187 10.68 -12.13 2.16
CA SER A 187 11.78 -11.35 2.69
C SER A 187 11.61 -9.91 2.22
N SER A 188 12.53 -9.04 2.67
CA SER A 188 12.58 -7.69 2.12
C SER A 188 12.56 -7.71 0.60
N LYS A 189 13.19 -8.73 0.00
CA LYS A 189 13.30 -8.79 -1.44
C LYS A 189 12.00 -9.20 -2.12
N SER A 190 11.06 -9.85 -1.41
CA SER A 190 9.75 -10.05 -2.02
C SER A 190 8.91 -8.78 -1.95
N ASP A 191 9.10 -7.93 -0.93
CA ASP A 191 8.48 -6.60 -0.95
C ASP A 191 9.07 -5.74 -2.08
N ILE A 192 10.38 -5.87 -2.33
CA ILE A 192 11.01 -5.14 -3.44
C ILE A 192 10.35 -5.50 -4.76
N TRP A 193 10.17 -6.81 -5.01
CA TRP A 193 9.50 -7.26 -6.22
C TRP A 193 8.12 -6.62 -6.35
N ALA A 194 7.31 -6.72 -5.30
CA ALA A 194 5.98 -6.13 -5.35
C ALA A 194 6.06 -4.62 -5.61
N PHE A 195 7.07 -3.95 -5.06
CA PHE A 195 7.19 -2.52 -5.30
C PHE A 195 7.43 -2.25 -6.77
N GLY A 196 8.23 -3.09 -7.44
CA GLY A 196 8.38 -2.93 -8.88
C GLY A 196 7.05 -3.05 -9.60
N VAL A 197 6.25 -4.05 -9.22
CA VAL A 197 4.93 -4.22 -9.81
C VAL A 197 4.06 -3.01 -9.53
N LEU A 198 4.14 -2.45 -8.31
CA LEU A 198 3.37 -1.25 -8.00
C LEU A 198 3.82 -0.08 -8.87
N MET A 199 5.14 0.07 -9.10
CA MET A 199 5.47 1.16 -10.02
C MET A 199 4.88 0.91 -11.40
N TRP A 200 4.79 -0.35 -11.81
CA TRP A 200 4.14 -0.64 -13.08
C TRP A 200 2.66 -0.28 -13.01
N GLU A 201 1.97 -0.57 -11.90
CA GLU A 201 0.58 -0.16 -11.78
C GLU A 201 0.46 1.35 -11.90
N ILE A 202 1.39 2.08 -11.28
CA ILE A 202 1.30 3.53 -11.31
C ILE A 202 1.46 4.04 -12.75
N TYR A 203 2.50 3.57 -13.45
CA TYR A 203 2.78 4.10 -14.79
C TYR A 203 1.81 3.60 -15.86
N SER A 204 1.12 2.50 -15.59
CA SER A 204 0.05 2.00 -16.45
CA SER A 204 0.06 2.01 -16.46
C SER A 204 -1.30 2.61 -16.10
N LEU A 205 -1.33 3.57 -15.17
CA LEU A 205 -2.56 4.24 -14.72
C LEU A 205 -3.59 3.22 -14.22
N GLY A 206 -3.10 2.20 -13.50
CA GLY A 206 -3.97 1.31 -12.77
C GLY A 206 -4.43 0.07 -13.50
N LYS A 207 -3.73 -0.36 -14.54
CA LYS A 207 -4.08 -1.64 -15.13
C LYS A 207 -3.72 -2.79 -14.19
N MET A 208 -4.44 -3.88 -14.36
CA MET A 208 -4.06 -5.09 -13.66
C MET A 208 -2.75 -5.63 -14.24
N PRO A 209 -1.75 -5.93 -13.41
CA PRO A 209 -0.51 -6.52 -13.94
C PRO A 209 -0.82 -7.84 -14.63
N TYR A 210 -0.20 -8.03 -15.79
CA TYR A 210 -0.42 -9.20 -16.62
C TYR A 210 -1.90 -9.36 -16.98
N GLU A 211 -2.48 -8.31 -17.56
CA GLU A 211 -3.93 -8.21 -17.61
C GLU A 211 -4.59 -9.22 -18.54
N ARG A 212 -3.83 -9.91 -19.38
CA ARG A 212 -4.40 -10.91 -20.28
C ARG A 212 -4.19 -12.33 -19.79
N PHE A 213 -3.48 -12.52 -18.67
CA PHE A 213 -3.19 -13.84 -18.14
C PHE A 213 -4.01 -14.09 -16.88
N THR A 214 -4.28 -15.35 -16.60
CA THR A 214 -4.73 -15.74 -15.29
C THR A 214 -3.58 -15.71 -14.28
N ASN A 215 -3.94 -15.88 -13.00
CA ASN A 215 -2.94 -16.06 -11.95
C ASN A 215 -2.05 -17.26 -12.25
N SER A 216 -2.64 -18.38 -12.63
CA SER A 216 -1.82 -19.56 -12.87
CA SER A 216 -1.84 -19.58 -12.88
C SER A 216 -0.90 -19.38 -14.06
N GLU A 217 -1.40 -18.74 -15.13
CA GLU A 217 -0.54 -18.41 -16.27
C GLU A 217 0.58 -17.47 -15.85
N THR A 218 0.27 -16.45 -15.05
CA THR A 218 1.28 -15.51 -14.59
C THR A 218 2.39 -16.23 -13.82
N ALA A 219 2.02 -17.16 -12.92
CA ALA A 219 3.04 -17.82 -12.13
C ALA A 219 4.00 -18.61 -13.01
N GLU A 220 3.47 -19.28 -14.03
CA GLU A 220 4.32 -20.05 -14.94
C GLU A 220 5.20 -19.12 -15.76
N HIS A 221 4.62 -18.03 -16.25
CA HIS A 221 5.37 -17.12 -17.11
C HIS A 221 6.50 -16.44 -16.35
N ILE A 222 6.24 -15.94 -15.13
CA ILE A 222 7.35 -15.23 -14.49
C ILE A 222 8.43 -16.24 -14.06
N ALA A 223 8.06 -17.48 -13.74
CA ALA A 223 9.07 -18.49 -13.47
C ALA A 223 9.95 -18.75 -14.69
N GLN A 224 9.40 -18.62 -15.89
CA GLN A 224 10.16 -18.78 -17.12
C GLN A 224 10.83 -17.49 -17.58
N GLY A 225 10.78 -16.43 -16.79
CA GLY A 225 11.52 -15.22 -17.08
C GLY A 225 10.73 -14.11 -17.74
N LEU A 226 9.44 -14.28 -17.96
CA LEU A 226 8.65 -13.21 -18.55
C LEU A 226 8.54 -12.08 -17.54
N ARG A 227 8.53 -10.85 -18.03
CA ARG A 227 8.41 -9.69 -17.15
C ARG A 227 7.42 -8.70 -17.73
N LEU A 228 6.93 -7.79 -16.89
CA LEU A 228 6.01 -6.76 -17.33
C LEU A 228 6.66 -5.81 -18.32
N TYR A 229 5.93 -5.49 -19.39
CA TYR A 229 6.45 -4.58 -20.38
C TYR A 229 6.54 -3.15 -19.83
N ARG A 230 7.30 -2.31 -20.52
CA ARG A 230 7.44 -0.92 -20.09
C ARG A 230 6.19 -0.13 -20.43
N PRO A 231 5.47 0.40 -19.45
CA PRO A 231 4.31 1.24 -19.78
C PRO A 231 4.75 2.45 -20.58
N HIS A 232 3.86 2.91 -21.45
CA HIS A 232 4.22 3.99 -22.36
C HIS A 232 4.63 5.25 -21.60
N LEU A 233 4.03 5.51 -20.44
CA LEU A 233 4.38 6.72 -19.70
C LEU A 233 5.67 6.61 -18.91
N ALA A 234 6.27 5.43 -18.84
CA ALA A 234 7.52 5.26 -18.10
C ALA A 234 8.71 5.49 -19.03
N SER A 235 9.60 6.41 -18.63
CA SER A 235 10.82 6.59 -19.39
C SER A 235 11.72 5.35 -19.27
N GLU A 236 12.72 5.26 -20.16
CA GLU A 236 13.70 4.19 -20.02
C GLU A 236 14.35 4.16 -18.65
N LYS A 237 14.70 5.34 -18.11
CA LYS A 237 15.30 5.39 -16.77
C LYS A 237 14.31 4.91 -15.70
N VAL A 238 13.05 5.33 -15.78
CA VAL A 238 12.07 4.84 -14.81
C VAL A 238 11.91 3.33 -14.95
N TYR A 239 11.90 2.83 -16.18
CA TYR A 239 11.68 1.39 -16.36
C TYR A 239 12.84 0.60 -15.77
N THR A 240 14.06 1.08 -15.96
CA THR A 240 15.23 0.43 -15.38
C THR A 240 15.07 0.26 -13.88
N ILE A 241 14.50 1.25 -13.20
CA ILE A 241 14.28 1.13 -11.76
C ILE A 241 13.27 0.03 -11.46
N MET A 242 12.07 0.08 -12.08
CA MET A 242 11.10 -0.96 -11.74
C MET A 242 11.61 -2.34 -12.15
N TYR A 243 12.32 -2.42 -13.29
CA TYR A 243 12.83 -3.71 -13.77
C TYR A 243 13.90 -4.28 -12.84
N SER A 244 14.67 -3.43 -12.17
CA SER A 244 15.68 -3.92 -11.24
C SER A 244 15.04 -4.65 -10.07
N CYS A 245 13.77 -4.39 -9.81
CA CYS A 245 13.08 -5.09 -8.72
C CYS A 245 12.74 -6.54 -9.05
N TRP A 246 12.87 -6.97 -10.31
CA TRP A 246 12.38 -8.29 -10.72
C TRP A 246 13.51 -9.24 -11.09
N HIS A 247 14.72 -9.01 -10.61
CA HIS A 247 15.80 -9.94 -10.86
C HIS A 247 15.41 -11.31 -10.32
N GLU A 248 15.70 -12.37 -11.09
CA GLU A 248 15.28 -13.70 -10.65
C GLU A 248 15.94 -14.05 -9.32
N LYS A 249 17.19 -13.61 -9.10
CA LYS A 249 17.90 -13.83 -7.84
C LYS A 249 17.55 -12.73 -6.86
N ALA A 250 16.92 -13.10 -5.73
CA ALA A 250 16.52 -12.11 -4.73
C ALA A 250 17.69 -11.25 -4.27
N ASP A 251 18.87 -11.84 -4.11
CA ASP A 251 19.99 -11.06 -3.58
C ASP A 251 20.56 -10.08 -4.60
N GLU A 252 20.14 -10.14 -5.86
CA GLU A 252 20.50 -9.13 -6.85
C GLU A 252 19.53 -7.97 -6.94
N ARG A 253 18.42 -8.02 -6.22
CA ARG A 253 17.48 -6.91 -6.21
C ARG A 253 17.99 -5.82 -5.26
N PRO A 254 17.71 -4.56 -5.56
CA PRO A 254 18.18 -3.47 -4.69
C PRO A 254 17.44 -3.52 -3.36
N THR A 255 17.90 -2.67 -2.45
CA THR A 255 17.18 -2.34 -1.23
C THR A 255 16.28 -1.13 -1.50
N PHE A 256 15.34 -0.89 -0.59
CA PHE A 256 14.50 0.30 -0.72
C PHE A 256 15.31 1.58 -0.59
N LYS A 257 16.42 1.55 0.15
CA LYS A 257 17.25 2.74 0.25
C LYS A 257 17.92 3.04 -1.09
N ILE A 258 18.38 2.00 -1.79
CA ILE A 258 18.95 2.21 -3.12
C ILE A 258 17.89 2.68 -4.09
N LEU A 259 16.72 2.05 -4.05
CA LEU A 259 15.62 2.47 -4.92
C LEU A 259 15.29 3.95 -4.72
N LEU A 260 15.23 4.39 -3.46
CA LEU A 260 14.92 5.79 -3.19
C LEU A 260 15.98 6.70 -3.79
N SER A 261 17.25 6.34 -3.64
CA SER A 261 18.31 7.11 -4.23
C SER A 261 18.19 7.14 -5.75
N ASN A 262 17.82 6.01 -6.35
CA ASN A 262 17.62 5.95 -7.80
C ASN A 262 16.48 6.86 -8.24
N ILE A 263 15.37 6.85 -7.51
CA ILE A 263 14.19 7.63 -7.86
C ILE A 263 14.49 9.12 -7.75
N LEU A 264 15.15 9.53 -6.67
CA LEU A 264 15.51 10.92 -6.53
C LEU A 264 16.40 11.38 -7.68
N ASP A 265 17.31 10.52 -8.12
CA ASP A 265 18.23 10.92 -9.20
C ASP A 265 17.44 11.18 -10.48
N VAL A 266 16.46 10.32 -10.77
CA VAL A 266 15.64 10.49 -11.96
C VAL A 266 14.77 11.73 -11.83
N MET A 267 14.17 11.97 -10.64
CA MET A 267 13.40 13.21 -10.52
C MET A 267 14.27 14.43 -10.72
N ASP A 268 15.55 14.36 -10.36
CA ASP A 268 16.43 15.51 -10.59
C ASP A 268 16.76 15.68 -12.08
N GLU A 269 16.65 14.61 -12.86
CA GLU A 269 16.89 14.66 -14.30
C GLU A 269 15.61 14.90 -15.11
N GLU A 270 14.45 14.79 -14.50
CA GLU A 270 13.17 15.04 -15.14
C GLU A 270 12.90 16.54 -15.19
C4 YXJ B . -11.35 3.34 3.39
C14 YXJ B . -15.42 8.81 -3.61
C5 YXJ B . -10.76 5.57 3.28
C6 YXJ B . -11.59 7.19 1.54
C11 YXJ B . -11.53 8.55 1.26
C7 YXJ B . -12.33 6.36 0.68
C8 YXJ B . -12.98 6.90 -0.42
C9 YXJ B . -12.92 8.26 -0.70
C10 YXJ B . -12.19 9.07 0.14
C12 YXJ B . -13.65 8.84 -1.89
C13 YXJ B . -14.79 8.04 -2.47
N1 YXJ B . -8.01 6.10 5.73
N2 YXJ B . -9.70 4.16 4.89
C3 YXJ B . -10.44 3.15 4.43
N3 YXJ B . -11.50 4.54 2.83
C1 YXJ B . -8.96 6.47 4.90
C15 YXJ B . -13.31 9.85 -4.19
C16 YXJ B . -12.65 9.19 -3.00
C17 YXJ B . -13.35 2.64 2.14
C18 YXJ B . -13.89 1.52 1.29
C19 YXJ B . -13.96 0.22 2.06
C2 YXJ B . -9.82 5.37 4.33
C20 YXJ B . -12.54 -0.11 2.44
C21 YXJ B . -11.95 0.94 3.37
N4 YXJ B . -10.89 6.78 2.70
N5 YXJ B . -14.44 9.05 -4.67
N6 YXJ B . -12.14 2.33 2.92
O1 YXJ B . -9.17 7.67 4.60
H12 YXJ B . -15.76 9.68 -3.27
H13 YXJ B . -16.20 8.30 -3.98
H8 YXJ B . -11.04 9.13 1.83
H5 YXJ B . -12.39 5.44 0.86
H6 YXJ B . -13.46 6.33 -1.00
H7 YXJ B . -12.12 9.99 -0.03
H9 YXJ B . -14.10 9.67 -1.56
H11 YXJ B . -15.46 7.86 -1.78
H10 YXJ B . -14.46 7.18 -2.80
H2 YXJ B . -7.90 5.23 5.92
H1 YXJ B . -7.50 6.71 6.13
H3 YXJ B . -10.35 2.30 4.83
H16 YXJ B . -12.64 9.96 -4.93
H15 YXJ B . -13.64 10.76 -3.93
H18 YXJ B . -11.98 9.79 -2.63
H17 YXJ B . -12.20 8.38 -3.30
H19 YXJ B . -14.05 2.92 2.77
H20 YXJ B . -13.14 3.41 1.55
H22 YXJ B . -14.79 1.76 0.98
H21 YXJ B . -13.31 1.40 0.51
H23 YXJ B . -14.35 -0.49 1.52
H24 YXJ B . -14.51 0.32 2.87
H25 YXJ B . -11.98 -0.16 1.63
H26 YXJ B . -12.50 -0.98 2.88
H28 YXJ B . -10.99 0.78 3.47
H27 YXJ B . -12.38 0.84 4.25
H4 YXJ B . -10.46 7.44 3.10
H14 YXJ B . -14.13 8.26 -4.95
C1 EDO C . -6.58 3.01 4.84
O1 EDO C . -6.86 3.35 6.20
C2 EDO C . -7.11 1.61 4.58
O2 EDO C . -6.49 0.71 5.49
C1 EDO D . 0.19 -10.12 -20.67
O1 EDO D . -0.80 -9.47 -19.84
C2 EDO D . 1.60 -9.85 -20.16
O2 EDO D . 1.74 -8.48 -19.72
C1 EDO E . -1.64 10.97 -16.95
O1 EDO E . -0.61 11.97 -16.84
C2 EDO E . -2.72 11.45 -17.91
O2 EDO E . -3.26 12.69 -17.41
C1 EDO F . 3.73 -10.16 -2.85
O1 EDO F . 3.17 -8.94 -2.35
C2 EDO F . 4.93 -10.58 -2.02
O2 EDO F . 4.59 -10.56 -0.63
C1 EDO G . -4.02 3.08 8.47
O1 EDO G . -5.16 2.32 8.08
C2 EDO G . -3.74 2.91 9.97
O2 EDO G . -2.53 2.15 10.08
#